data_4J32
#
_entry.id   4J32
#
_cell.length_a   63.650
_cell.length_b   63.650
_cell.length_c   365.650
_cell.angle_alpha   90.00
_cell.angle_beta   90.00
_cell.angle_gamma   120.00
#
_symmetry.space_group_name_H-M   'P 61 2 2'
#
loop_
_entity.id
_entity.type
_entity.pdbx_description
1 polymer 'Putative cytoplasmic protein'
2 polymer 'Putative periplasmic protein'
3 non-polymer 'CITRATE ANION'
4 non-polymer 2-ETHOXYETHANOL
5 water water
#
loop_
_entity_poly.entity_id
_entity_poly.type
_entity_poly.pdbx_seq_one_letter_code
_entity_poly.pdbx_strand_id
1 'polypeptide(L)'
;MGHHHHHHLYFQGMNRPSFNEAWLAFRKVNHSVADVGSIIGGNVGKNITGGYFQNACPIRMSYVLNATGFPIARNSPYAK
VSGADNKFYIYRVNDMIDYLTHTMGKPDLIVNNPKQSDFIGKKGIIVVKGHGWSNARGHVTLWNGSICSDQCHLLNDPDN
GPFVPEVGTLWILP
;
A
2 'polypeptide(L)'
;QEALTTQYSQSELLKNWALSHCLALVYKDDVVKNDARATASAYLEYGKQSVEIYHEIDEIAKKYSGLKYNGSISSDFNTM
KCIDFIHDRELNELIKRRVEK
;
B
#
# COMPACT_ATOMS: atom_id res chain seq x y z
N ASN A 15 -17.08 -21.08 -16.98
CA ASN A 15 -16.27 -20.37 -18.02
C ASN A 15 -15.76 -19.03 -17.50
N ARG A 16 -15.76 -18.00 -18.36
CA ARG A 16 -15.12 -16.73 -18.02
C ARG A 16 -15.97 -15.56 -18.50
N PRO A 17 -15.86 -14.38 -17.84
CA PRO A 17 -16.54 -13.15 -18.30
C PRO A 17 -16.17 -12.84 -19.73
N SER A 18 -17.10 -12.33 -20.54
CA SER A 18 -16.74 -11.88 -21.88
C SER A 18 -15.82 -10.68 -21.77
N PHE A 19 -14.89 -10.56 -22.69
CA PHE A 19 -13.96 -9.44 -22.63
C PHE A 19 -14.75 -8.12 -22.66
N ASN A 20 -15.67 -8.01 -23.62
CA ASN A 20 -16.43 -6.77 -23.79
C ASN A 20 -17.19 -6.36 -22.54
N GLU A 21 -17.85 -7.33 -21.90
CA GLU A 21 -18.59 -6.98 -20.67
C GLU A 21 -17.64 -6.61 -19.52
N ALA A 22 -16.50 -7.28 -19.44
CA ALA A 22 -15.52 -7.00 -18.38
C ALA A 22 -14.94 -5.60 -18.54
N TRP A 23 -14.63 -5.22 -19.77
CA TRP A 23 -14.02 -3.92 -20.09
C TRP A 23 -14.99 -2.79 -19.81
N LEU A 24 -16.26 -2.99 -20.22
CA LEU A 24 -17.30 -2.03 -19.90
C LEU A 24 -17.46 -1.85 -18.39
N ALA A 25 -17.53 -2.95 -17.67
CA ALA A 25 -17.77 -2.87 -16.22
C ALA A 25 -16.58 -2.16 -15.51
N PHE A 26 -15.37 -2.50 -15.93
CA PHE A 26 -14.17 -1.86 -15.35
C PHE A 26 -14.22 -0.34 -15.46
N ARG A 27 -14.62 0.17 -16.61
CA ARG A 27 -14.74 1.60 -16.83
C ARG A 27 -15.62 2.29 -15.78
N LYS A 28 -16.70 1.62 -15.35
CA LYS A 28 -17.64 2.22 -14.38
C LYS A 28 -16.95 2.56 -13.06
N VAL A 29 -15.87 1.83 -12.77
CA VAL A 29 -15.12 2.05 -11.52
C VAL A 29 -13.68 2.51 -11.74
N ASN A 30 -13.36 2.95 -12.95
CA ASN A 30 -12.02 3.45 -13.26
C ASN A 30 -11.87 4.91 -12.83
N HIS A 31 -12.10 5.13 -11.53
CA HIS A 31 -12.07 6.46 -10.94
C HIS A 31 -11.26 6.42 -9.66
N SER A 32 -11.17 7.57 -8.98
CA SER A 32 -10.48 7.65 -7.68
C SER A 32 -11.11 6.65 -6.72
N VAL A 33 -10.33 6.16 -5.75
CA VAL A 33 -10.88 5.27 -4.73
C VAL A 33 -12.11 5.91 -4.01
N ALA A 34 -12.06 7.22 -3.73
CA ALA A 34 -13.21 7.91 -3.14
C ALA A 34 -14.46 7.73 -4.01
N ASP A 35 -14.29 7.92 -5.31
CA ASP A 35 -15.42 7.80 -6.24
C ASP A 35 -15.92 6.35 -6.33
N VAL A 36 -15.00 5.39 -6.34
CA VAL A 36 -15.33 3.95 -6.32
C VAL A 36 -16.21 3.63 -5.12
N GLY A 37 -15.86 4.20 -3.97
CA GLY A 37 -16.66 4.02 -2.75
C GLY A 37 -18.08 4.55 -2.92
N SER A 38 -18.22 5.71 -3.56
CA SER A 38 -19.54 6.30 -3.79
C SER A 38 -20.37 5.44 -4.73
N ILE A 39 -19.71 4.91 -5.75
CA ILE A 39 -20.34 4.11 -6.78
C ILE A 39 -20.86 2.78 -6.22
N ILE A 40 -20.04 2.14 -5.40
CA ILE A 40 -20.33 0.77 -4.94
C ILE A 40 -21.17 0.81 -3.65
N GLY A 41 -20.85 1.77 -2.77
CA GLY A 41 -21.63 1.99 -1.55
C GLY A 41 -21.52 0.80 -0.60
N GLY A 42 -22.48 0.69 0.32
CA GLY A 42 -22.46 -0.37 1.32
C GLY A 42 -21.19 -0.34 2.15
N ASN A 43 -20.72 -1.51 2.56
CA ASN A 43 -19.49 -1.61 3.35
C ASN A 43 -18.22 -1.20 2.60
N VAL A 44 -18.20 -1.43 1.29
CA VAL A 44 -17.14 -0.89 0.44
C VAL A 44 -17.04 0.64 0.64
N GLY A 45 -18.15 1.33 0.44
CA GLY A 45 -18.20 2.77 0.66
C GLY A 45 -17.82 3.24 2.05
N LYS A 46 -18.36 2.58 3.07
CA LYS A 46 -18.06 2.89 4.46
C LYS A 46 -16.56 2.79 4.77
N ASN A 47 -15.93 1.72 4.28
CA ASN A 47 -14.49 1.54 4.50
C ASN A 47 -13.63 2.54 3.73
N ILE A 48 -14.08 2.90 2.54
CA ILE A 48 -13.41 3.96 1.77
C ILE A 48 -13.56 5.34 2.41
N THR A 49 -14.76 5.66 2.86
CA THR A 49 -15.00 6.92 3.57
C THR A 49 -14.15 7.02 4.83
N GLY A 50 -14.01 5.90 5.54
CA GLY A 50 -13.20 5.84 6.75
C GLY A 50 -11.70 5.86 6.48
N GLY A 51 -11.32 5.74 5.21
CA GLY A 51 -9.92 5.72 4.79
C GLY A 51 -9.22 4.38 4.90
N TYR A 52 -9.95 3.32 5.25
CA TYR A 52 -9.32 2.01 5.47
C TYR A 52 -8.84 1.40 4.16
N PHE A 53 -9.56 1.64 3.08
CA PHE A 53 -9.12 1.13 1.77
C PHE A 53 -8.68 2.32 0.94
N GLN A 54 -7.49 2.21 0.35
CA GLN A 54 -6.94 3.25 -0.52
C GLN A 54 -6.52 2.69 -1.89
N ASN A 55 -6.29 1.39 -1.95
CA ASN A 55 -5.91 0.73 -3.21
C ASN A 55 -7.16 0.12 -3.87
N ALA A 56 -7.65 0.78 -4.91
CA ALA A 56 -8.90 0.34 -5.57
C ALA A 56 -8.73 -0.87 -6.48
N CYS A 57 -7.48 -1.23 -6.77
CA CYS A 57 -7.16 -2.34 -7.68
C CYS A 57 -8.06 -3.59 -7.48
N PRO A 58 -8.03 -4.23 -6.27
CA PRO A 58 -8.83 -5.45 -6.15
C PRO A 58 -10.34 -5.21 -6.10
N ILE A 59 -10.73 -4.01 -5.69
CA ILE A 59 -12.14 -3.66 -5.62
C ILE A 59 -12.67 -3.49 -7.04
N ARG A 60 -11.87 -2.89 -7.93
CA ARG A 60 -12.34 -2.78 -9.32
C ARG A 60 -12.47 -4.16 -9.99
N MET A 61 -11.50 -5.04 -9.76
CA MET A 61 -11.57 -6.40 -10.29
CA MET A 61 -11.58 -6.40 -10.31
C MET A 61 -12.77 -7.17 -9.73
N SER A 62 -13.05 -6.97 -8.44
CA SER A 62 -14.24 -7.56 -7.84
C SER A 62 -15.52 -7.07 -8.52
N TYR A 63 -15.59 -5.77 -8.76
CA TYR A 63 -16.73 -5.19 -9.48
C TYR A 63 -16.91 -5.87 -10.86
N VAL A 64 -15.82 -6.01 -11.61
CA VAL A 64 -15.86 -6.71 -12.91
C VAL A 64 -16.48 -8.10 -12.79
N LEU A 65 -15.99 -8.89 -11.84
CA LEU A 65 -16.50 -10.26 -11.68
C LEU A 65 -17.99 -10.24 -11.27
N ASN A 66 -18.32 -9.39 -10.31
CA ASN A 66 -19.72 -9.28 -9.87
C ASN A 66 -20.63 -8.83 -10.99
N ALA A 67 -20.14 -7.94 -11.84
CA ALA A 67 -20.98 -7.34 -12.89
C ALA A 67 -21.21 -8.18 -14.14
N THR A 68 -20.32 -9.16 -14.37
CA THR A 68 -20.32 -9.92 -15.61
C THR A 68 -20.93 -11.31 -15.40
N GLY A 69 -21.49 -11.57 -14.22
CA GLY A 69 -22.14 -12.85 -13.95
C GLY A 69 -21.24 -13.93 -13.38
N PHE A 70 -20.08 -13.50 -12.85
CA PHE A 70 -19.12 -14.40 -12.16
C PHE A 70 -18.82 -13.89 -10.75
N PRO A 71 -19.87 -13.75 -9.91
CA PRO A 71 -19.71 -13.08 -8.62
C PRO A 71 -18.81 -13.87 -7.69
N ILE A 72 -18.10 -13.13 -6.85
CA ILE A 72 -17.29 -13.69 -5.77
C ILE A 72 -18.22 -14.29 -4.72
N ALA A 73 -18.03 -15.57 -4.44
CA ALA A 73 -18.92 -16.29 -3.51
C ALA A 73 -18.71 -15.74 -2.10
N ARG A 74 -19.80 -15.68 -1.33
CA ARG A 74 -19.74 -15.24 0.07
CA ARG A 74 -19.71 -15.22 0.06
C ARG A 74 -18.66 -16.01 0.86
N ASN A 75 -18.61 -17.32 0.65
CA ASN A 75 -17.70 -18.14 1.43
C ASN A 75 -16.33 -18.42 0.81
N SER A 76 -15.97 -17.68 -0.24
CA SER A 76 -14.62 -17.68 -0.78
C SER A 76 -13.63 -17.37 0.35
N PRO A 77 -12.52 -18.11 0.45
CA PRO A 77 -11.58 -17.95 1.57
C PRO A 77 -10.66 -16.72 1.45
N TYR A 78 -11.26 -15.56 1.23
CA TYR A 78 -10.54 -14.28 1.07
C TYR A 78 -11.31 -13.17 1.78
N ALA A 79 -10.58 -12.23 2.38
CA ALA A 79 -11.22 -11.11 3.05
C ALA A 79 -12.03 -10.29 2.04
N LYS A 80 -13.27 -9.95 2.37
CA LYS A 80 -14.12 -9.21 1.45
C LYS A 80 -15.17 -8.45 2.24
N VAL A 81 -15.71 -7.40 1.61
CA VAL A 81 -16.80 -6.65 2.21
C VAL A 81 -17.91 -6.48 1.18
N SER A 82 -19.14 -6.29 1.66
CA SER A 82 -20.25 -6.18 0.74
C SER A 82 -20.42 -4.75 0.18
N GLY A 83 -20.94 -4.66 -1.04
CA GLY A 83 -21.41 -3.39 -1.60
C GLY A 83 -22.89 -3.13 -1.31
N ALA A 84 -23.40 -1.98 -1.77
CA ALA A 84 -24.84 -1.69 -1.67
C ALA A 84 -25.68 -2.72 -2.45
N ASP A 85 -25.06 -3.37 -3.45
CA ASP A 85 -25.66 -4.47 -4.22
C ASP A 85 -25.73 -5.80 -3.46
N ASN A 86 -25.22 -5.83 -2.23
CA ASN A 86 -25.13 -7.07 -1.43
C ASN A 86 -24.23 -8.15 -2.06
N LYS A 87 -23.42 -7.74 -3.02
CA LYS A 87 -22.36 -8.60 -3.57
C LYS A 87 -21.04 -8.28 -2.88
N PHE A 88 -20.02 -9.12 -3.11
CA PHE A 88 -18.81 -9.08 -2.28
C PHE A 88 -17.58 -8.64 -3.03
N TYR A 89 -16.73 -7.89 -2.32
CA TYR A 89 -15.59 -7.20 -2.91
C TYR A 89 -14.34 -7.48 -2.11
N ILE A 90 -13.40 -8.17 -2.76
CA ILE A 90 -12.08 -8.46 -2.20
C ILE A 90 -11.24 -7.18 -2.19
N TYR A 91 -10.53 -6.94 -1.09
CA TYR A 91 -9.85 -5.64 -0.92
C TYR A 91 -8.33 -5.73 -0.83
N ARG A 92 -7.80 -6.93 -0.88
CA ARG A 92 -6.34 -7.16 -0.93
C ARG A 92 -5.92 -7.67 -2.32
N VAL A 93 -4.86 -7.06 -2.84
CA VAL A 93 -4.26 -7.48 -4.12
C VAL A 93 -3.86 -8.95 -4.08
N ASN A 94 -3.16 -9.37 -3.03
CA ASN A 94 -2.69 -10.74 -2.93
CA ASN A 94 -2.70 -10.74 -3.00
C ASN A 94 -3.87 -11.72 -2.98
N ASP A 95 -4.98 -11.33 -2.33
CA ASP A 95 -6.18 -12.16 -2.29
C ASP A 95 -6.84 -12.24 -3.65
N MET A 96 -6.89 -11.13 -4.36
CA MET A 96 -7.51 -11.13 -5.69
CA MET A 96 -7.49 -11.09 -5.69
C MET A 96 -6.71 -12.01 -6.63
N ILE A 97 -5.38 -11.90 -6.55
CA ILE A 97 -4.50 -12.76 -7.35
C ILE A 97 -4.78 -14.24 -7.06
N ASP A 98 -4.83 -14.60 -5.79
CA ASP A 98 -5.05 -16.00 -5.40
CA ASP A 98 -5.03 -16.00 -5.40
C ASP A 98 -6.43 -16.47 -5.81
N TYR A 99 -7.42 -15.58 -5.69
CA TYR A 99 -8.80 -15.87 -6.09
C TYR A 99 -8.87 -16.27 -7.55
N LEU A 100 -8.23 -15.46 -8.40
CA LEU A 100 -8.22 -15.76 -9.85
C LEU A 100 -7.49 -17.07 -10.17
N THR A 101 -6.38 -17.34 -9.49
CA THR A 101 -5.62 -18.57 -9.67
C THR A 101 -6.52 -19.78 -9.41
N HIS A 102 -7.43 -19.65 -8.45
CA HIS A 102 -8.25 -20.79 -8.04
C HIS A 102 -9.60 -20.88 -8.74
N THR A 103 -9.97 -19.86 -9.50
CA THR A 103 -11.28 -19.84 -10.16
C THR A 103 -11.20 -19.76 -11.69
N MET A 104 -10.10 -19.24 -12.23
CA MET A 104 -10.01 -18.93 -13.68
C MET A 104 -9.51 -20.06 -14.58
N GLY A 105 -9.06 -21.15 -13.98
CA GLY A 105 -8.53 -22.24 -14.77
C GLY A 105 -7.08 -21.96 -15.13
N LYS A 106 -6.58 -22.71 -16.12
CA LYS A 106 -5.18 -22.59 -16.51
C LYS A 106 -4.96 -21.23 -17.16
N PRO A 107 -3.89 -20.52 -16.75
CA PRO A 107 -3.55 -19.28 -17.45
C PRO A 107 -3.18 -19.57 -18.90
N ASP A 108 -3.39 -18.59 -19.75
CA ASP A 108 -3.09 -18.77 -21.16
C ASP A 108 -1.68 -18.35 -21.55
N LEU A 109 -1.12 -17.42 -20.79
CA LEU A 109 0.27 -16.96 -20.97
C LEU A 109 0.87 -16.72 -19.59
N ILE A 110 2.07 -17.24 -19.38
CA ILE A 110 2.89 -16.91 -18.22
C ILE A 110 4.25 -16.47 -18.75
N VAL A 111 4.68 -15.26 -18.35
CA VAL A 111 5.92 -14.68 -18.90
C VAL A 111 6.85 -14.22 -17.77
N ASN A 112 8.04 -14.80 -17.72
CA ASN A 112 9.08 -14.37 -16.77
C ASN A 112 9.65 -13.03 -17.25
N ASN A 113 9.93 -12.13 -16.31
CA ASN A 113 10.51 -10.82 -16.65
C ASN A 113 9.75 -10.15 -17.78
N PRO A 114 8.43 -9.96 -17.61
CA PRO A 114 7.54 -9.55 -18.70
C PRO A 114 7.70 -8.07 -19.10
N LYS A 115 7.44 -7.79 -20.38
CA LYS A 115 7.30 -6.44 -20.89
C LYS A 115 5.92 -6.39 -21.54
N GLN A 116 5.36 -5.19 -21.68
CA GLN A 116 4.04 -5.04 -22.28
C GLN A 116 3.97 -5.70 -23.66
N SER A 117 5.04 -5.59 -24.43
CA SER A 117 5.10 -6.15 -25.78
C SER A 117 4.84 -7.66 -25.83
N ASP A 118 5.12 -8.37 -24.73
CA ASP A 118 4.91 -9.82 -24.63
C ASP A 118 3.43 -10.19 -24.66
N PHE A 119 2.55 -9.23 -24.40
CA PHE A 119 1.12 -9.50 -24.27
C PHE A 119 0.32 -8.96 -25.44
N ILE A 120 1.02 -8.41 -26.43
CA ILE A 120 0.35 -7.85 -27.60
C ILE A 120 -0.51 -8.90 -28.31
N GLY A 121 -1.72 -8.50 -28.73
CA GLY A 121 -2.54 -9.38 -29.56
C GLY A 121 -3.46 -10.32 -28.82
N LYS A 122 -3.38 -10.32 -27.49
CA LYS A 122 -4.26 -11.14 -26.67
C LYS A 122 -4.89 -10.25 -25.63
N LYS A 123 -6.09 -10.64 -25.17
CA LYS A 123 -6.82 -9.76 -24.24
C LYS A 123 -7.47 -10.54 -23.10
N GLY A 124 -7.55 -9.91 -21.92
CA GLY A 124 -8.21 -10.53 -20.77
C GLY A 124 -7.74 -9.98 -19.46
N ILE A 125 -7.65 -10.85 -18.44
CA ILE A 125 -7.26 -10.40 -17.11
C ILE A 125 -5.75 -10.62 -16.96
N ILE A 126 -5.03 -9.57 -16.59
CA ILE A 126 -3.58 -9.65 -16.43
C ILE A 126 -3.16 -9.44 -14.96
N VAL A 127 -2.22 -10.28 -14.52
CA VAL A 127 -1.60 -10.12 -13.22
C VAL A 127 -0.11 -9.92 -13.46
N VAL A 128 0.46 -8.91 -12.80
CA VAL A 128 1.91 -8.75 -12.78
CA VAL A 128 1.91 -8.76 -12.78
C VAL A 128 2.38 -8.74 -11.33
N LYS A 129 3.34 -9.60 -11.01
CA LYS A 129 3.97 -9.58 -9.71
C LYS A 129 5.39 -9.07 -9.91
N GLY A 130 5.89 -8.28 -8.98
CA GLY A 130 7.25 -7.80 -9.08
C GLY A 130 7.68 -7.08 -7.83
N HIS A 131 8.84 -6.45 -7.89
CA HIS A 131 9.36 -5.70 -6.76
C HIS A 131 9.45 -4.20 -7.01
N GLY A 132 9.54 -3.42 -5.93
CA GLY A 132 9.72 -1.98 -6.06
C GLY A 132 8.57 -1.16 -5.50
N TRP A 133 7.43 -1.80 -5.25
CA TRP A 133 6.29 -1.11 -4.63
C TRP A 133 6.20 -1.40 -3.15
N SER A 134 5.83 -0.38 -2.40
CA SER A 134 5.87 -0.42 -0.96
C SER A 134 4.54 -0.84 -0.34
N ASN A 135 3.51 -0.98 -1.17
CA ASN A 135 2.16 -1.25 -0.67
C ASN A 135 1.57 -2.58 -1.20
N ALA A 136 2.32 -3.28 -2.04
CA ALA A 136 1.79 -4.45 -2.75
C ALA A 136 2.90 -5.21 -3.45
N ARG A 137 2.61 -6.47 -3.76
CA ARG A 137 3.55 -7.35 -4.46
C ARG A 137 3.26 -7.35 -5.96
N GLY A 138 2.21 -6.66 -6.37
CA GLY A 138 1.81 -6.73 -7.76
C GLY A 138 0.54 -5.99 -8.04
N HIS A 139 -0.05 -6.26 -9.21
CA HIS A 139 -1.21 -5.53 -9.69
C HIS A 139 -2.04 -6.49 -10.51
N VAL A 140 -3.35 -6.27 -10.53
CA VAL A 140 -4.30 -7.07 -11.32
CA VAL A 140 -4.27 -7.06 -11.34
C VAL A 140 -5.20 -6.09 -12.05
N THR A 141 -5.33 -6.26 -13.37
CA THR A 141 -6.17 -5.35 -14.16
C THR A 141 -6.63 -6.05 -15.46
N LEU A 142 -7.31 -5.30 -16.34
CA LEU A 142 -7.65 -5.83 -17.65
C LEU A 142 -6.69 -5.30 -18.68
N TRP A 143 -6.55 -6.04 -19.77
CA TRP A 143 -5.61 -5.77 -20.83
C TRP A 143 -6.34 -6.04 -22.14
N ASN A 144 -6.31 -5.08 -23.06
CA ASN A 144 -7.06 -5.26 -24.31
C ASN A 144 -6.19 -5.62 -25.53
N GLY A 145 -4.95 -6.06 -25.27
CA GLY A 145 -4.00 -6.35 -26.34
C GLY A 145 -3.02 -5.22 -26.62
N SER A 146 -3.32 -4.03 -26.10
CA SER A 146 -2.53 -2.82 -26.31
C SER A 146 -2.25 -2.04 -25.03
N ILE A 147 -3.25 -1.95 -24.14
CA ILE A 147 -3.19 -1.07 -22.96
C ILE A 147 -3.96 -1.71 -21.81
N CYS A 148 -3.67 -1.31 -20.58
CA CYS A 148 -4.45 -1.76 -19.42
C CYS A 148 -5.66 -0.87 -19.27
N SER A 149 -6.69 -1.39 -18.61
CA SER A 149 -7.94 -0.66 -18.40
C SER A 149 -7.76 0.51 -17.44
N ASP A 150 -6.74 0.45 -16.58
CA ASP A 150 -6.45 1.57 -15.66
C ASP A 150 -5.19 2.31 -16.02
N GLN A 151 -4.77 2.20 -17.27
CA GLN A 151 -3.54 2.85 -17.74
C GLN A 151 -3.49 4.33 -17.34
N CYS A 152 -4.68 4.93 -17.32
CA CYS A 152 -4.82 6.33 -16.96
CA CYS A 152 -4.94 6.30 -16.90
C CYS A 152 -4.36 6.63 -15.52
N HIS A 153 -4.40 5.62 -14.65
CA HIS A 153 -3.90 5.74 -13.27
C HIS A 153 -2.48 5.18 -13.12
N LEU A 154 -2.02 4.41 -14.11
CA LEU A 154 -0.72 3.74 -14.05
C LEU A 154 0.44 4.74 -14.03
N LEU A 155 0.87 5.05 -12.82
CA LEU A 155 1.80 6.14 -12.49
C LEU A 155 3.07 6.16 -13.34
N ASN A 156 3.62 4.98 -13.63
CA ASN A 156 4.83 4.86 -14.44
C ASN A 156 4.69 3.88 -15.61
N ASN A 160 9.56 1.06 -17.82
CA ASN A 160 10.68 1.49 -16.99
C ASN A 160 10.29 2.44 -15.85
N GLY A 161 9.57 1.91 -14.87
CA GLY A 161 9.21 2.68 -13.66
C GLY A 161 9.96 2.14 -12.44
N PRO A 162 9.50 2.51 -11.21
CA PRO A 162 10.16 1.94 -10.04
C PRO A 162 9.73 0.49 -9.80
N PHE A 163 8.58 0.09 -10.34
CA PHE A 163 8.15 -1.30 -10.30
C PHE A 163 8.91 -2.13 -11.32
N VAL A 164 9.52 -3.23 -10.87
CA VAL A 164 10.23 -4.18 -11.77
C VAL A 164 9.42 -5.48 -11.85
N PRO A 165 8.71 -5.70 -12.98
CA PRO A 165 7.90 -6.91 -13.14
C PRO A 165 8.78 -8.17 -13.16
N GLU A 166 8.40 -9.17 -12.36
CA GLU A 166 9.10 -10.47 -12.32
C GLU A 166 8.34 -11.52 -13.13
N VAL A 167 7.01 -11.58 -12.95
CA VAL A 167 6.16 -12.54 -13.65
CA VAL A 167 6.17 -12.53 -13.67
C VAL A 167 4.84 -11.89 -14.09
N GLY A 168 4.44 -12.13 -15.33
CA GLY A 168 3.15 -11.65 -15.83
C GLY A 168 2.33 -12.82 -16.32
N THR A 169 1.04 -12.82 -15.98
CA THR A 169 0.13 -13.93 -16.26
C THR A 169 -1.13 -13.36 -16.88
N LEU A 170 -1.58 -13.97 -17.98
CA LEU A 170 -2.80 -13.55 -18.65
C LEU A 170 -3.80 -14.71 -18.72
N TRP A 171 -5.05 -14.42 -18.30
CA TRP A 171 -6.18 -15.31 -18.59
C TRP A 171 -6.99 -14.63 -19.69
N ILE A 172 -7.06 -15.27 -20.86
CA ILE A 172 -7.79 -14.68 -21.98
C ILE A 172 -9.29 -14.63 -21.69
N LEU A 173 -9.90 -13.49 -21.99
CA LEU A 173 -11.37 -13.37 -21.94
C LEU A 173 -11.94 -13.37 -23.35
N PRO A 174 -13.00 -14.16 -23.59
CA PRO A 174 -13.46 -14.42 -24.95
C PRO A 174 -14.24 -13.27 -25.59
N GLN B 1 -5.73 17.30 29.74
CA GLN B 1 -5.20 15.96 30.05
CA GLN B 1 -5.19 15.92 29.97
C GLN B 1 -3.67 16.01 29.96
N GLU B 2 -2.98 15.53 31.01
CA GLU B 2 -1.52 15.43 30.89
C GLU B 2 -1.19 14.17 30.08
N ALA B 3 -0.24 14.28 29.13
CA ALA B 3 0.19 13.12 28.34
C ALA B 3 0.97 12.14 29.21
N LEU B 4 1.35 11.00 28.61
CA LEU B 4 2.04 9.94 29.35
C LEU B 4 3.54 10.15 29.46
N THR B 5 4.02 11.34 29.07
CA THR B 5 5.45 11.59 28.90
C THR B 5 6.33 11.14 30.09
N THR B 6 5.86 11.37 31.30
CA THR B 6 6.63 11.04 32.52
C THR B 6 6.69 9.56 32.85
N GLN B 7 5.95 8.75 32.11
CA GLN B 7 5.86 7.32 32.41
CA GLN B 7 5.84 7.31 32.37
C GLN B 7 6.89 6.48 31.63
N TYR B 8 7.48 7.09 30.62
CA TYR B 8 8.42 6.38 29.74
C TYR B 8 9.80 6.19 30.39
N SER B 9 10.38 5.01 30.14
CA SER B 9 11.76 4.73 30.54
C SER B 9 12.71 5.56 29.66
N GLN B 10 13.98 5.62 30.04
CA GLN B 10 14.96 6.38 29.24
C GLN B 10 15.07 5.86 27.80
N SER B 11 15.13 4.55 27.63
CA SER B 11 15.18 3.98 26.27
CA SER B 11 15.17 3.95 26.29
C SER B 11 13.90 4.29 25.46
N GLU B 12 12.75 4.18 26.11
CA GLU B 12 11.46 4.49 25.49
C GLU B 12 11.39 5.95 25.09
N LEU B 13 11.90 6.84 25.92
CA LEU B 13 11.94 8.28 25.55
C LEU B 13 12.76 8.49 24.27
N LEU B 14 13.89 7.80 24.17
CA LEU B 14 14.78 7.99 23.00
C LEU B 14 14.14 7.44 21.72
N LYS B 15 13.45 6.31 21.85
CA LYS B 15 12.70 5.77 20.72
C LYS B 15 11.52 6.69 20.35
N ASN B 16 10.88 7.29 21.35
CA ASN B 16 9.78 8.23 21.09
C ASN B 16 10.29 9.48 20.39
N TRP B 17 11.44 9.98 20.88
CA TRP B 17 12.16 11.06 20.23
C TRP B 17 12.48 10.72 18.78
N ALA B 18 13.05 9.55 18.56
CA ALA B 18 13.42 9.14 17.20
C ALA B 18 12.21 9.22 16.25
N LEU B 19 11.09 8.68 16.67
CA LEU B 19 9.90 8.67 15.83
C LEU B 19 9.38 10.09 15.53
N SER B 20 9.20 10.89 16.59
CA SER B 20 8.66 12.24 16.40
CA SER B 20 8.71 12.28 16.46
C SER B 20 9.61 13.12 15.59
N HIS B 21 10.92 12.99 15.83
CA HIS B 21 11.90 13.75 15.06
C HIS B 21 11.82 13.38 13.57
N CYS B 22 11.74 12.07 13.29
CA CYS B 22 11.67 11.64 11.89
C CYS B 22 10.42 12.21 11.20
N LEU B 23 9.31 12.21 11.93
CA LEU B 23 8.06 12.76 11.37
C LEU B 23 8.22 14.27 11.09
N ALA B 24 8.93 14.97 11.98
CA ALA B 24 9.27 16.38 11.77
C ALA B 24 10.13 16.60 10.52
N LEU B 25 10.96 15.61 10.19
CA LEU B 25 11.76 15.70 8.97
C LEU B 25 10.98 15.47 7.67
N VAL B 26 10.11 14.47 7.66
CA VAL B 26 9.53 14.00 6.39
C VAL B 26 8.32 14.80 5.88
N TYR B 27 7.59 15.42 6.79
CA TYR B 27 6.35 16.11 6.43
C TYR B 27 6.64 17.55 6.04
N LYS B 28 5.91 18.07 5.07
CA LYS B 28 6.16 19.42 4.55
C LYS B 28 5.42 20.52 5.34
N ASP B 29 4.18 20.22 5.72
CA ASP B 29 3.28 21.21 6.30
C ASP B 29 3.86 21.78 7.60
N ASP B 30 3.89 23.10 7.70
CA ASP B 30 4.51 23.74 8.88
C ASP B 30 3.85 23.39 10.21
N VAL B 31 2.52 23.37 10.25
CA VAL B 31 1.78 23.04 11.46
C VAL B 31 2.12 21.60 11.92
N VAL B 32 2.12 20.64 11.00
CA VAL B 32 2.55 19.26 11.32
C VAL B 32 4.02 19.19 11.75
N LYS B 33 4.93 19.81 10.98
CA LYS B 33 6.37 19.78 11.34
C LYS B 33 6.57 20.37 12.73
N ASN B 34 5.94 21.50 13.01
CA ASN B 34 6.12 22.16 14.31
C ASN B 34 5.57 21.31 15.46
N ASP B 35 4.48 20.60 15.18
CA ASP B 35 3.86 19.72 16.16
C ASP B 35 4.77 18.53 16.50
N ALA B 36 5.33 17.90 15.48
CA ALA B 36 6.28 16.81 15.66
C ALA B 36 7.55 17.30 16.38
N ARG B 37 8.04 18.49 16.05
CA ARG B 37 9.20 19.08 16.75
C ARG B 37 8.89 19.34 18.22
N ALA B 38 7.71 19.88 18.49
CA ALA B 38 7.31 20.18 19.89
C ALA B 38 7.23 18.89 20.68
N THR B 39 6.62 17.88 20.07
CA THR B 39 6.48 16.55 20.66
C THR B 39 7.87 15.95 20.95
N ALA B 40 8.76 15.99 19.97
CA ALA B 40 10.11 15.48 20.23
C ALA B 40 10.77 16.23 21.41
N SER B 41 10.55 17.53 21.50
CA SER B 41 11.24 18.32 22.55
C SER B 41 10.77 17.83 23.96
N ALA B 42 9.53 17.35 24.05
CA ALA B 42 9.01 16.83 25.31
C ALA B 42 9.81 15.61 25.75
N TYR B 43 10.10 14.71 24.80
CA TYR B 43 10.91 13.52 25.15
C TYR B 43 12.36 13.87 25.48
N LEU B 44 12.92 14.86 24.80
CA LEU B 44 14.26 15.37 25.14
C LEU B 44 14.32 15.94 26.57
N GLU B 45 13.27 16.65 27.00
CA GLU B 45 13.24 17.26 28.33
C GLU B 45 13.49 16.21 29.41
N TYR B 46 12.88 15.04 29.26
CA TYR B 46 12.94 14.00 30.30
C TYR B 46 14.12 13.04 30.17
N GLY B 47 14.87 13.17 29.08
CA GLY B 47 16.09 12.37 28.90
C GLY B 47 17.22 12.77 29.84
N LYS B 48 18.14 11.85 30.09
CA LYS B 48 19.33 12.11 30.91
C LYS B 48 20.59 12.10 30.04
N GLN B 49 20.36 12.09 28.73
CA GLN B 49 21.46 11.99 27.75
C GLN B 49 21.87 13.36 27.24
N SER B 50 23.13 13.42 26.81
CA SER B 50 23.70 14.62 26.18
C SER B 50 23.10 14.81 24.79
N VAL B 51 23.20 16.03 24.28
CA VAL B 51 22.51 16.35 23.03
C VAL B 51 23.04 15.56 21.82
N GLU B 52 24.30 15.15 21.88
CA GLU B 52 24.88 14.44 20.73
C GLU B 52 24.17 13.11 20.46
N ILE B 53 23.53 12.48 21.45
CA ILE B 53 22.81 11.24 21.11
C ILE B 53 21.63 11.52 20.20
N TYR B 54 20.98 12.67 20.41
CA TYR B 54 19.88 13.06 19.52
C TYR B 54 20.40 13.45 18.13
N HIS B 55 21.56 14.09 18.07
CA HIS B 55 22.22 14.39 16.79
C HIS B 55 22.53 13.09 16.04
N GLU B 56 22.95 12.04 16.76
CA GLU B 56 23.23 10.76 16.10
C GLU B 56 21.95 10.05 15.65
N ILE B 57 20.90 10.09 16.46
CA ILE B 57 19.58 9.59 16.06
C ILE B 57 19.15 10.28 14.76
N ASP B 58 19.31 11.61 14.71
CA ASP B 58 19.07 12.36 13.46
C ASP B 58 19.90 11.87 12.27
N GLU B 59 21.18 11.56 12.47
CA GLU B 59 22.03 11.02 11.38
C GLU B 59 21.40 9.77 10.78
N ILE B 60 20.86 8.90 11.65
CA ILE B 60 20.23 7.66 11.17
C ILE B 60 18.89 7.98 10.51
N ALA B 61 18.13 8.88 11.13
CA ALA B 61 16.82 9.28 10.59
C ALA B 61 16.98 9.77 9.15
N LYS B 62 18.06 10.51 8.89
CA LYS B 62 18.26 11.08 7.56
CA LYS B 62 18.34 11.08 7.57
C LYS B 62 18.52 10.00 6.50
N LYS B 63 18.94 8.81 6.91
CA LYS B 63 19.15 7.68 5.98
C LYS B 63 17.77 7.17 5.48
N TYR B 64 16.72 7.46 6.25
CA TYR B 64 15.35 7.04 5.92
C TYR B 64 14.57 8.19 5.31
N SER B 65 14.78 9.40 5.84
CA SER B 65 13.97 10.55 5.41
C SER B 65 14.28 10.91 3.96
N GLY B 66 15.47 10.55 3.49
CA GLY B 66 15.92 10.84 2.12
C GLY B 66 15.57 9.77 1.10
N LEU B 67 14.99 8.67 1.57
CA LEU B 67 14.59 7.58 0.67
C LEU B 67 13.45 8.02 -0.23
N LYS B 68 13.36 7.39 -1.41
CA LYS B 68 12.18 7.56 -2.26
C LYS B 68 11.41 6.27 -2.25
N TYR B 69 10.18 6.31 -1.73
CA TYR B 69 9.29 5.15 -1.70
C TYR B 69 8.17 5.31 -2.74
N ASN B 70 7.86 4.21 -3.40
CA ASN B 70 6.85 4.21 -4.48
C ASN B 70 5.83 3.09 -4.25
N GLY B 71 4.65 3.23 -4.84
CA GLY B 71 3.62 2.21 -4.73
C GLY B 71 2.65 2.27 -5.88
N SER B 72 1.65 1.40 -5.84
CA SER B 72 0.64 1.34 -6.91
C SER B 72 -0.51 2.33 -6.67
N ILE B 73 -0.38 3.09 -5.59
CA ILE B 73 -1.26 4.21 -5.30
C ILE B 73 -0.41 5.49 -5.18
N SER B 74 -1.05 6.65 -5.38
CA SER B 74 -0.35 7.94 -5.31
CA SER B 74 -0.36 7.95 -5.31
C SER B 74 0.02 8.34 -3.89
N SER B 75 1.33 8.37 -3.62
CA SER B 75 1.83 8.79 -2.31
C SER B 75 3.34 8.79 -2.34
N ASP B 76 3.94 9.64 -1.52
CA ASP B 76 5.36 9.58 -1.27
C ASP B 76 5.70 8.62 -0.14
N PHE B 77 4.68 8.12 0.55
CA PHE B 77 4.89 7.24 1.72
C PHE B 77 5.89 7.79 2.77
N ASN B 78 5.80 9.08 3.07
CA ASN B 78 6.69 9.73 4.03
C ASN B 78 6.55 9.09 5.41
N THR B 79 5.30 8.82 5.80
CA THR B 79 5.01 8.24 7.13
C THR B 79 5.75 6.90 7.23
N MET B 80 5.73 6.15 6.13
CA MET B 80 6.37 4.83 6.08
C MET B 80 7.88 4.86 6.31
N LYS B 81 8.54 5.91 5.82
CA LYS B 81 9.98 6.06 6.01
C LYS B 81 10.29 6.06 7.52
N CYS B 82 9.45 6.74 8.31
CA CYS B 82 9.68 6.86 9.75
C CYS B 82 9.31 5.58 10.50
N ILE B 83 8.30 4.87 9.99
CA ILE B 83 7.95 3.58 10.60
C ILE B 83 9.09 2.56 10.35
N ASP B 84 9.63 2.56 9.13
CA ASP B 84 10.77 1.68 8.85
C ASP B 84 11.96 2.11 9.73
N PHE B 85 12.16 3.41 9.83
CA PHE B 85 13.28 3.95 10.64
C PHE B 85 13.24 3.43 12.07
N ILE B 86 12.07 3.44 12.71
CA ILE B 86 12.04 3.10 14.14
CA ILE B 86 11.97 3.08 14.13
C ILE B 86 12.29 1.61 14.40
N HIS B 87 12.31 0.81 13.34
CA HIS B 87 12.71 -0.61 13.41
C HIS B 87 14.19 -0.85 13.10
N ASP B 88 14.91 0.22 12.81
CA ASP B 88 16.31 0.12 12.37
C ASP B 88 17.21 -0.47 13.46
N ARG B 89 18.01 -1.47 13.10
CA ARG B 89 18.88 -2.15 14.05
C ARG B 89 19.95 -1.21 14.63
N GLU B 90 20.55 -0.37 13.77
CA GLU B 90 21.57 0.59 14.19
CA GLU B 90 21.57 0.55 14.25
C GLU B 90 21.04 1.56 15.26
N LEU B 91 19.81 2.04 15.05
CA LEU B 91 19.14 2.92 15.99
C LEU B 91 18.94 2.23 17.34
N ASN B 92 18.44 1.00 17.30
CA ASN B 92 18.15 0.34 18.53
CA ASN B 92 18.18 0.21 18.51
C ASN B 92 19.47 -0.02 19.28
N GLU B 93 20.53 -0.37 18.57
CA GLU B 93 21.85 -0.60 19.17
C GLU B 93 22.47 0.66 19.76
N LEU B 94 22.33 1.78 19.05
CA LEU B 94 22.78 3.09 19.54
C LEU B 94 22.16 3.40 20.92
N ILE B 95 20.86 3.19 21.01
CA ILE B 95 20.14 3.48 22.25
C ILE B 95 20.57 2.52 23.36
N LYS B 96 20.74 1.25 23.01
CA LYS B 96 21.10 0.24 24.01
C LYS B 96 22.53 0.44 24.53
N ARG B 97 23.41 0.94 23.65
CA ARG B 97 24.84 1.22 23.93
C ARG B 97 25.06 2.41 24.83
N ARG B 98 24.04 3.25 25.01
CA ARG B 98 24.26 4.60 25.48
C ARG B 98 25.04 4.67 26.79
N VAL B 99 25.95 5.65 26.87
CA VAL B 99 26.79 5.85 28.06
C VAL B 99 25.97 6.34 29.24
N GLU B 100 25.03 7.24 28.95
CA GLU B 100 24.15 7.83 29.97
C GLU B 100 22.86 7.03 30.07
N LYS B 101 22.77 6.16 31.08
CA LYS B 101 21.61 5.27 31.19
C LYS B 101 20.33 6.03 31.58
#